data_9D0V
#
_entry.id   9D0V
#
_cell.length_a   76.390
_cell.length_b   76.390
_cell.length_c   257.960
_cell.angle_alpha   90.00
_cell.angle_beta   90.00
_cell.angle_gamma   120.00
#
_symmetry.space_group_name_H-M   'P 32 2 1'
#
loop_
_entity.id
_entity.type
_entity.pdbx_description
1 polymer 'Cyclin-dependent kinase 2'
2 polymer 'G1/S-specific cyclin-E1'
3 non-polymer 6-chloro-8-cyclopentyl-2-[4-(ethanesulfonyl)-2-methylanilino]pyrido[2,3-d]pyrimidin-7(8H)-one
4 non-polymer DI(HYDROXYETHYL)ETHER
5 non-polymer GLYCEROL
6 non-polymer 1,2-ETHANEDIOL
7 water water
#
loop_
_entity_poly.entity_id
_entity_poly.type
_entity_poly.pdbx_seq_one_letter_code
_entity_poly.pdbx_strand_id
1 'polypeptide(L)'
;MENFQKVEKIGEGTYGVVYKARNKLTGEVVALKKIRLDTETEGVPSTAIREISLLKELNHPNIVKLLDVIHTENKLYLVF
EFLHQDLKKFMDASALTGIPLPLIKSYLFQLLQGLAFCHSHRVLHRDLKPQNLLINTEGAIKLADFGLARAFGVPVRTY
(TPO)HEVVTLWYRAPEILLGCKYYSTAVDIWSLGCIFAEMVTRRALFPGDSEIDQLFRIFRTLGTPDEVVWPGVTSMPD
YKPSFPKWARQDFSKVVPPLDEDGRSLLSQMLHYDPNKRISAKAALAHPFFQDVTKPVPHLRL
;
A
2 'polypeptide(L)'
;SGSIIAPSRG(SEP)PLPVLSWANREEVWKIMLNKEKTYLRDQHFLEQHPLLQPKMRAILLDWLMEVCEVYKLHRETFYL
AQDFFDRYMATQENVVKTLLQLIGISSLFIAAKLEEIYPPKLHQFAYVTDGACSGDEILTMELMIMKALKWRLSPLTIVS
WLNVYMQVAYLNDLHEVLLPQYPQQIFIQIAELLDLCVLDVDCLEFPYGILAASALYHFSSSELMQKVSGYQWCDIENCV
KWMVPFAMVIRETGSSKLKHFRGVADEDAHNIQTHRDSLDLLDKARAKKA
;
B
#
loop_
_chem_comp.id
_chem_comp.type
_chem_comp.name
_chem_comp.formula
A1A1H non-polymer 6-chloro-8-cyclopentyl-2-[4-(ethanesulfonyl)-2-methylanilino]pyrido[2,3-d]pyrimidin-7(8H)-one 'C21 H23 Cl N4 O3 S'
EDO non-polymer 1,2-ETHANEDIOL 'C2 H6 O2'
GOL non-polymer GLYCEROL 'C3 H8 O3'
PEG non-polymer DI(HYDROXYETHYL)ETHER 'C4 H10 O3'
#
# COMPACT_ATOMS: atom_id res chain seq x y z
N MET A 1 -14.00 20.80 15.74
N MET A 1 -14.60 20.68 13.45
CA MET A 1 -14.69 21.27 14.53
CA MET A 1 -14.97 21.12 14.78
C MET A 1 -15.34 22.64 14.70
C MET A 1 -15.38 22.59 14.75
N GLU A 2 -15.04 23.32 15.81
CA GLU A 2 -15.52 24.69 15.98
C GLU A 2 -14.83 25.66 15.04
N ASN A 3 -13.70 25.30 14.45
CA ASN A 3 -13.01 26.23 13.55
C ASN A 3 -13.41 26.05 12.09
N PHE A 4 -14.45 25.24 11.80
CA PHE A 4 -14.88 25.02 10.43
C PHE A 4 -16.37 25.26 10.26
N GLN A 5 -16.70 26.09 9.25
CA GLN A 5 -18.07 26.37 8.83
C GLN A 5 -18.38 25.62 7.53
N LYS A 6 -19.27 24.63 7.58
CA LYS A 6 -19.68 23.94 6.37
C LYS A 6 -20.49 24.85 5.44
N VAL A 7 -20.09 24.89 4.17
CA VAL A 7 -20.75 25.72 3.17
C VAL A 7 -21.87 24.95 2.46
N GLU A 8 -21.58 23.77 1.93
CA GLU A 8 -22.53 22.97 1.17
C GLU A 8 -21.91 21.59 1.08
N LYS A 9 -22.74 20.56 0.94
CA LYS A 9 -22.23 19.24 0.53
C LYS A 9 -21.65 19.28 -0.87
N ILE A 10 -20.52 18.59 -1.05
CA ILE A 10 -19.86 18.50 -2.35
C ILE A 10 -20.11 17.17 -3.06
N GLY A 11 -20.42 16.12 -2.31
CA GLY A 11 -20.65 14.81 -2.90
C GLY A 11 -20.12 13.71 -2.01
N GLU A 12 -20.47 12.45 -2.30
CA GLU A 12 -19.87 11.27 -1.68
C GLU A 12 -18.88 10.59 -2.61
N GLY A 13 -17.63 10.45 -2.14
CA GLY A 13 -16.66 9.58 -2.77
C GLY A 13 -16.61 8.10 -2.37
N THR A 14 -15.41 7.57 -2.09
CA THR A 14 -15.35 6.16 -1.71
C THR A 14 -16.00 5.91 -0.34
N TYR A 15 -15.84 6.82 0.63
CA TYR A 15 -16.45 6.61 1.95
C TYR A 15 -16.81 8.00 2.46
N GLY A 16 -17.99 8.10 3.07
CA GLY A 16 -18.59 9.28 3.71
C GLY A 16 -18.76 10.51 2.82
N VAL A 17 -19.47 11.50 3.36
CA VAL A 17 -19.73 12.77 2.70
C VAL A 17 -18.57 13.77 2.70
N VAL A 18 -18.35 14.41 1.55
CA VAL A 18 -17.43 15.54 1.44
C VAL A 18 -18.22 16.85 1.46
N TYR A 19 -17.65 17.91 2.06
CA TYR A 19 -18.29 19.23 2.21
C TYR A 19 -17.31 20.28 1.76
N LYS A 20 -17.82 21.34 1.11
CA LYS A 20 -17.05 22.57 1.03
C LYS A 20 -17.23 23.26 2.38
N ALA A 21 -16.16 23.90 2.85
CA ALA A 21 -16.20 24.52 4.17
C ALA A 21 -15.11 25.57 4.27
N ARG A 22 -15.30 26.47 5.24
CA ARG A 22 -14.37 27.57 5.46
C ARG A 22 -13.72 27.47 6.84
N ASN A 23 -12.38 27.60 6.88
CA ASN A 23 -11.64 27.75 8.13
C ASN A 23 -12.00 29.11 8.74
N LYS A 24 -12.75 29.08 9.86
CA LYS A 24 -13.26 30.30 10.51
C LYS A 24 -12.14 31.28 10.83
N LEU A 25 -11.00 30.78 11.28
CA LEU A 25 -9.90 31.65 11.68
C LEU A 25 -9.28 32.37 10.49
N THR A 26 -8.86 31.62 9.48
CA THR A 26 -8.11 32.17 8.35
C THR A 26 -8.95 32.43 7.12
N GLY A 27 -10.19 31.96 7.09
CA GLY A 27 -11.02 32.07 5.90
C GLY A 27 -10.66 31.10 4.80
N GLU A 28 -9.67 30.23 5.02
CA GLU A 28 -9.27 29.29 3.98
C GLU A 28 -10.43 28.35 3.65
N VAL A 29 -10.60 28.09 2.37
CA VAL A 29 -11.64 27.20 1.91
C VAL A 29 -11.04 25.80 1.77
N VAL A 30 -11.75 24.81 2.30
CA VAL A 30 -11.33 23.42 2.36
C VAL A 30 -12.48 22.49 2.02
N ALA A 31 -12.11 21.27 1.65
CA ALA A 31 -13.03 20.15 1.60
C ALA A 31 -12.92 19.37 2.91
N LEU A 32 -14.04 18.90 3.43
CA LEU A 32 -14.18 18.19 4.69
C LEU A 32 -14.77 16.81 4.43
N LYS A 33 -13.94 15.77 4.45
CA LYS A 33 -14.48 14.41 4.37
C LYS A 33 -14.98 13.99 5.76
N LYS A 34 -16.26 13.66 5.85
CA LYS A 34 -16.87 13.17 7.07
C LYS A 34 -16.99 11.65 7.05
N ILE A 35 -16.77 11.04 8.21
CA ILE A 35 -16.87 9.60 8.44
C ILE A 35 -17.66 9.44 9.71
N ARG A 36 -18.85 8.92 9.61
CA ARG A 36 -19.57 8.74 10.84
C ARG A 36 -19.16 7.37 11.34
N LEU A 37 -18.93 7.26 12.64
CA LEU A 37 -18.27 6.08 13.18
C LEU A 37 -19.21 5.16 13.93
N ASP A 38 -20.26 5.72 14.51
CA ASP A 38 -21.29 4.87 15.07
C ASP A 38 -22.16 4.17 14.05
N THR A 39 -22.06 4.50 12.75
CA THR A 39 -22.54 3.69 11.63
C THR A 39 -21.71 2.43 11.33
N GLU A 40 -20.57 2.22 11.99
CA GLU A 40 -19.50 1.34 11.49
C GLU A 40 -19.25 0.27 12.54
N THR A 41 -19.54 -0.97 12.14
CA THR A 41 -19.29 -2.08 13.05
C THR A 41 -17.80 -2.31 13.32
N GLU A 42 -16.91 -2.04 12.35
CA GLU A 42 -15.47 -2.27 12.46
C GLU A 42 -14.67 -1.05 12.93
N GLY A 43 -15.31 0.00 13.45
CA GLY A 43 -14.59 1.21 13.87
C GLY A 43 -14.14 2.01 12.64
N VAL A 44 -12.93 2.55 12.70
CA VAL A 44 -12.44 3.35 11.59
C VAL A 44 -12.26 2.41 10.41
N PRO A 45 -12.98 2.61 9.30
CA PRO A 45 -12.89 1.63 8.21
C PRO A 45 -11.51 1.62 7.57
N SER A 46 -11.18 0.47 7.02
CA SER A 46 -9.85 0.24 6.50
C SER A 46 -9.51 1.23 5.39
N THR A 47 -10.51 1.59 4.58
CA THR A 47 -10.28 2.58 3.52
C THR A 47 -9.81 3.91 4.09
N ALA A 48 -10.40 4.37 5.20
CA ALA A 48 -9.97 5.62 5.83
C ALA A 48 -8.58 5.47 6.46
N ILE A 49 -8.30 4.34 7.15
CA ILE A 49 -6.98 4.17 7.74
C ILE A 49 -5.92 4.19 6.64
N ARG A 50 -6.20 3.52 5.52
CA ARG A 50 -5.27 3.54 4.38
C ARG A 50 -5.10 4.94 3.79
N GLU A 51 -6.21 5.65 3.52
CA GLU A 51 -6.13 6.98 2.93
C GLU A 51 -5.32 7.93 3.83
N ILE A 52 -5.68 7.96 5.12
CA ILE A 52 -5.00 8.88 6.01
C ILE A 52 -3.51 8.56 6.05
N SER A 53 -3.16 7.28 6.26
CA SER A 53 -1.76 6.94 6.46
C SER A 53 -0.95 7.11 5.17
N LEU A 54 -1.55 6.77 4.02
CA LEU A 54 -0.87 6.98 2.75
C LEU A 54 -0.68 8.47 2.47
N LEU A 55 -1.71 9.30 2.70
CA LEU A 55 -1.60 10.74 2.40
C LEU A 55 -0.75 11.50 3.39
N LYS A 56 -0.55 10.98 4.61
CA LYS A 56 0.50 11.56 5.45
C LYS A 56 1.87 11.29 4.87
N GLU A 57 2.04 10.16 4.16
CA GLU A 57 3.34 10.00 3.50
C GLU A 57 3.48 10.79 2.17
N LEU A 58 2.38 11.13 1.46
CA LEU A 58 2.43 11.63 0.08
C LEU A 58 2.14 13.13 -0.07
N ASN A 59 3.18 13.92 -0.24
CA ASN A 59 3.07 15.37 -0.46
C ASN A 59 3.62 15.73 -1.83
N HIS A 60 2.73 15.99 -2.78
CA HIS A 60 3.09 16.27 -4.17
C HIS A 60 2.10 17.27 -4.74
N PRO A 61 2.57 18.16 -5.64
CA PRO A 61 1.64 19.16 -6.20
C PRO A 61 0.50 18.55 -6.97
N ASN A 62 0.63 17.32 -7.43
CA ASN A 62 -0.46 16.69 -8.16
C ASN A 62 -1.22 15.66 -7.37
N ILE A 63 -1.10 15.72 -6.04
CA ILE A 63 -1.94 14.91 -5.16
C ILE A 63 -2.64 15.87 -4.21
N VAL A 64 -3.97 15.74 -4.12
CA VAL A 64 -4.71 16.56 -3.15
C VAL A 64 -4.07 16.44 -1.78
N LYS A 65 -4.02 17.53 -1.05
CA LYS A 65 -3.25 17.62 0.19
C LYS A 65 -4.17 17.36 1.36
N LEU A 66 -3.80 16.40 2.20
CA LEU A 66 -4.47 16.19 3.49
C LEU A 66 -3.88 17.20 4.48
N LEU A 67 -4.74 18.07 5.02
CA LEU A 67 -4.34 19.16 5.90
C LEU A 67 -4.45 18.81 7.37
N ASP A 68 -5.39 17.92 7.73
CA ASP A 68 -5.63 17.66 9.12
C ASP A 68 -6.55 16.46 9.25
N VAL A 69 -6.57 15.87 10.45
CA VAL A 69 -7.46 14.77 10.80
C VAL A 69 -8.03 15.07 12.16
N ILE A 70 -9.34 15.25 12.23
CA ILE A 70 -9.99 15.68 13.45
C ILE A 70 -11.00 14.63 13.90
N HIS A 71 -10.90 14.24 15.19
CA HIS A 71 -11.79 13.25 15.78
C HIS A 71 -12.71 13.92 16.81
N THR A 72 -14.00 13.95 16.53
CA THR A 72 -15.01 14.42 17.48
C THR A 72 -16.05 13.33 17.65
N GLU A 73 -16.84 13.46 18.70
CA GLU A 73 -17.76 12.43 19.18
C GLU A 73 -18.41 11.68 18.02
N ASN A 74 -18.04 10.41 17.84
CA ASN A 74 -18.57 9.52 16.79
C ASN A 74 -18.23 9.96 15.36
N LYS A 75 -17.33 10.92 15.16
CA LYS A 75 -17.09 11.37 13.80
C LYS A 75 -15.60 11.58 13.54
N LEU A 76 -15.19 11.35 12.29
CA LEU A 76 -13.81 11.57 11.88
C LEU A 76 -13.82 12.46 10.65
N TYR A 77 -13.18 13.62 10.77
CA TYR A 77 -13.08 14.56 9.66
C TYR A 77 -11.67 14.60 9.10
N LEU A 78 -11.59 14.53 7.78
CA LEU A 78 -10.35 14.70 7.04
C LEU A 78 -10.45 16.07 6.37
N VAL A 79 -9.52 16.96 6.65
CA VAL A 79 -9.55 18.31 6.11
C VAL A 79 -8.62 18.29 4.89
N PHE A 80 -9.17 18.44 3.68
CA PHE A 80 -8.39 18.52 2.44
C PHE A 80 -8.36 19.91 1.83
N GLU A 81 -7.39 20.12 0.94
CA GLU A 81 -7.44 21.33 0.16
C GLU A 81 -8.66 21.34 -0.76
N PHE A 82 -9.04 22.55 -1.18
CA PHE A 82 -10.19 22.76 -2.04
C PHE A 82 -9.79 22.81 -3.51
N LEU A 83 -10.54 22.10 -4.33
CA LEU A 83 -10.50 22.24 -5.77
C LEU A 83 -11.93 22.38 -6.28
N HIS A 84 -12.08 22.67 -7.57
CA HIS A 84 -13.32 23.27 -8.01
C HIS A 84 -14.31 22.29 -8.60
N GLN A 85 -13.89 21.27 -9.36
CA GLN A 85 -14.83 20.20 -9.71
C GLN A 85 -14.05 19.00 -10.24
N ASP A 86 -14.77 17.88 -10.34
CA ASP A 86 -14.18 16.68 -10.92
C ASP A 86 -14.21 16.75 -12.44
N LEU A 87 -13.42 15.90 -13.06
CA LEU A 87 -13.28 15.94 -14.51
CA LEU A 87 -13.30 15.97 -14.51
C LEU A 87 -14.51 15.39 -15.23
N LYS A 88 -15.36 14.62 -14.54
CA LYS A 88 -16.54 14.04 -15.18
C LYS A 88 -17.61 15.09 -15.44
N LYS A 89 -17.79 16.02 -14.49
CA LYS A 89 -18.71 17.15 -14.67
C LYS A 89 -18.09 18.21 -15.56
N PHE A 90 -16.75 18.36 -15.53
CA PHE A 90 -16.12 19.27 -16.48
C PHE A 90 -16.21 18.75 -17.90
N MET A 91 -15.84 17.50 -18.13
CA MET A 91 -15.98 16.88 -19.44
C MET A 91 -17.39 17.09 -19.97
N ASP A 92 -18.41 16.58 -19.27
CA ASP A 92 -19.76 16.61 -19.79
C ASP A 92 -20.36 18.02 -19.85
N ALA A 93 -19.81 19.00 -19.13
CA ALA A 93 -20.24 20.38 -19.36
C ALA A 93 -19.65 20.94 -20.65
N SER A 94 -18.51 20.39 -21.05
CA SER A 94 -17.89 20.83 -22.29
C SER A 94 -18.07 19.76 -23.35
N ALA A 95 -19.12 18.96 -23.22
CA ALA A 95 -19.34 17.84 -24.17
C ALA A 95 -19.87 18.15 -25.57
N LEU A 96 -20.04 19.41 -25.89
CA LEU A 96 -20.51 19.78 -27.23
C LEU A 96 -19.35 20.24 -28.07
N THR A 97 -18.57 21.17 -27.53
CA THR A 97 -17.43 21.68 -28.25
C THR A 97 -16.30 20.71 -28.16
N GLY A 98 -16.28 19.92 -27.10
CA GLY A 98 -15.15 19.06 -26.87
C GLY A 98 -14.25 19.77 -25.89
N ILE A 99 -13.14 19.15 -25.54
CA ILE A 99 -12.20 19.81 -24.64
C ILE A 99 -10.95 20.17 -25.41
N PRO A 100 -10.60 21.45 -25.39
CA PRO A 100 -9.46 21.84 -26.24
C PRO A 100 -8.21 21.02 -25.93
N LEU A 101 -7.54 20.58 -26.96
CA LEU A 101 -6.44 19.63 -26.84
C LEU A 101 -5.16 20.07 -26.10
N PRO A 102 -4.86 21.38 -25.99
CA PRO A 102 -3.75 21.80 -25.09
C PRO A 102 -3.97 21.48 -23.62
N LEU A 103 -5.22 21.49 -23.18
CA LEU A 103 -5.57 21.08 -21.83
C LEU A 103 -5.47 19.56 -21.68
N ILE A 104 -5.46 18.80 -22.78
CA ILE A 104 -5.39 17.37 -22.62
C ILE A 104 -3.91 16.96 -22.58
N LYS A 105 -3.03 17.76 -23.20
CA LYS A 105 -1.62 17.61 -22.84
C LYS A 105 -1.49 17.90 -21.35
N SER A 106 -1.96 19.07 -20.91
CA SER A 106 -1.71 19.54 -19.55
C SER A 106 -2.14 18.50 -18.52
N TYR A 107 -3.40 18.08 -18.61
CA TYR A 107 -4.01 17.19 -17.64
C TYR A 107 -3.42 15.77 -17.67
N LEU A 108 -3.17 15.20 -18.85
CA LEU A 108 -2.50 13.89 -18.84
C LEU A 108 -1.06 13.98 -18.36
N PHE A 109 -0.38 15.09 -18.59
CA PHE A 109 0.98 15.23 -18.09
C PHE A 109 0.98 15.32 -16.56
N GLN A 110 0.16 16.21 -16.01
CA GLN A 110 0.14 16.38 -14.57
C GLN A 110 -0.27 15.08 -13.88
N LEU A 111 -1.37 14.48 -14.33
CA LEU A 111 -1.79 13.18 -13.84
C LEU A 111 -0.67 12.14 -13.88
N LEU A 112 0.18 12.19 -14.90
CA LEU A 112 1.30 11.25 -14.87
C LEU A 112 2.37 11.65 -13.87
N GLN A 113 2.52 12.94 -13.59
CA GLN A 113 3.48 13.37 -12.57
C GLN A 113 3.07 12.87 -11.19
N GLY A 114 1.80 13.02 -10.87
CA GLY A 114 1.23 12.47 -9.66
C GLY A 114 1.48 10.97 -9.56
N LEU A 115 1.06 10.24 -10.60
CA LEU A 115 1.09 8.79 -10.52
C LEU A 115 2.52 8.28 -10.37
N ALA A 116 3.46 8.91 -11.09
CA ALA A 116 4.86 8.55 -10.97
C ALA A 116 5.35 8.76 -9.54
N PHE A 117 4.84 9.78 -8.87
CA PHE A 117 5.18 9.97 -7.47
C PHE A 117 4.61 8.86 -6.58
N CYS A 118 3.33 8.56 -6.75
CA CYS A 118 2.72 7.45 -6.04
C CYS A 118 3.51 6.16 -6.21
N HIS A 119 3.86 5.82 -7.44
CA HIS A 119 4.52 4.56 -7.72
C HIS A 119 5.94 4.52 -7.20
N SER A 120 6.60 5.68 -7.11
CA SER A 120 7.93 5.67 -6.50
C SER A 120 7.80 5.47 -5.00
N HIS A 121 6.70 5.93 -4.42
CA HIS A 121 6.38 5.64 -3.04
C HIS A 121 5.71 4.26 -2.87
N ARG A 122 5.58 3.49 -3.92
CA ARG A 122 5.00 2.16 -3.84
C ARG A 122 3.53 2.19 -3.43
N VAL A 123 2.78 3.15 -3.98
CA VAL A 123 1.34 3.24 -3.75
C VAL A 123 0.63 2.99 -5.07
N LEU A 124 -0.33 2.05 -5.07
CA LEU A 124 -1.26 1.93 -6.15
C LEU A 124 -2.50 2.73 -5.78
N HIS A 125 -2.99 3.55 -6.72
CA HIS A 125 -4.23 4.30 -6.52
C HIS A 125 -5.45 3.39 -6.66
N ARG A 126 -5.56 2.69 -7.79
CA ARG A 126 -6.60 1.71 -8.05
C ARG A 126 -7.99 2.31 -8.22
N ASP A 127 -8.12 3.62 -8.40
CA ASP A 127 -9.44 4.17 -8.76
C ASP A 127 -9.27 5.48 -9.53
N LEU A 128 -8.36 5.52 -10.51
CA LEU A 128 -8.21 6.73 -11.31
C LEU A 128 -9.40 6.82 -12.27
N LYS A 129 -10.39 7.62 -11.93
CA LYS A 129 -11.57 7.84 -12.72
C LYS A 129 -11.92 9.31 -12.58
N PRO A 130 -12.44 9.92 -13.64
CA PRO A 130 -12.53 11.39 -13.69
C PRO A 130 -13.26 12.03 -12.51
N GLN A 131 -14.22 11.33 -11.87
CA GLN A 131 -14.85 11.85 -10.64
C GLN A 131 -13.87 12.03 -9.49
N ASN A 132 -12.77 11.26 -9.49
CA ASN A 132 -11.68 11.38 -8.53
C ASN A 132 -10.53 12.19 -9.09
N LEU A 133 -10.72 12.81 -10.24
CA LEU A 133 -9.71 13.67 -10.81
C LEU A 133 -10.15 15.15 -10.66
N LEU A 134 -9.50 15.91 -9.76
CA LEU A 134 -9.88 17.30 -9.43
C LEU A 134 -8.99 18.16 -10.30
N ILE A 135 -9.51 19.25 -10.90
CA ILE A 135 -8.63 20.07 -11.74
C ILE A 135 -8.50 21.57 -11.45
N ASN A 136 -9.12 22.15 -10.42
CA ASN A 136 -9.10 23.55 -9.89
C ASN A 136 -9.18 24.66 -10.98
N THR A 137 -9.24 25.97 -10.58
CA THR A 137 -9.25 27.05 -11.58
C THR A 137 -7.90 27.51 -12.11
N GLU A 138 -6.81 27.31 -11.37
CA GLU A 138 -5.53 27.60 -11.98
C GLU A 138 -5.19 26.61 -13.08
N GLY A 139 -5.87 25.45 -13.15
CA GLY A 139 -5.59 24.53 -14.24
C GLY A 139 -4.77 23.28 -13.94
N ALA A 140 -4.29 23.10 -12.70
CA ALA A 140 -3.25 22.10 -12.35
C ALA A 140 -3.61 20.61 -12.42
N ILE A 141 -4.69 20.18 -11.77
CA ILE A 141 -5.32 18.84 -11.76
C ILE A 141 -4.52 17.96 -10.77
N LYS A 142 -5.26 17.22 -9.94
CA LYS A 142 -4.70 16.52 -8.80
C LYS A 142 -5.36 15.16 -8.60
N LEU A 143 -4.56 14.15 -8.29
CA LEU A 143 -5.13 12.87 -7.91
C LEU A 143 -5.83 13.03 -6.55
N ALA A 144 -6.97 12.37 -6.37
CA ALA A 144 -7.70 12.49 -5.12
C ALA A 144 -8.46 11.19 -4.87
N ASP A 145 -9.03 11.11 -3.65
CA ASP A 145 -9.70 9.91 -3.12
C ASP A 145 -8.81 8.65 -3.17
N PHE A 146 -7.86 8.58 -2.24
CA PHE A 146 -7.02 7.42 -2.01
C PHE A 146 -7.65 6.38 -1.10
N GLY A 147 -8.96 6.42 -0.93
CA GLY A 147 -9.66 5.41 -0.15
C GLY A 147 -9.53 4.01 -0.67
N LEU A 148 -9.19 3.83 -1.95
CA LEU A 148 -9.01 2.49 -2.47
C LEU A 148 -7.55 2.18 -2.72
N ALA A 149 -6.66 3.11 -2.40
CA ALA A 149 -5.23 2.88 -2.59
C ALA A 149 -4.72 1.79 -1.65
N ARG A 150 -3.61 1.17 -2.05
CA ARG A 150 -2.85 0.23 -1.27
C ARG A 150 -1.36 0.41 -1.49
N ALA A 151 -0.60 0.37 -0.40
CA ALA A 151 0.84 0.24 -0.53
C ALA A 151 1.19 -1.17 -0.97
N PHE A 152 2.05 -1.32 -1.96
CA PHE A 152 2.46 -2.65 -2.43
C PHE A 152 3.87 -2.96 -1.93
N GLY A 153 4.08 -4.22 -1.60
CA GLY A 153 5.35 -4.70 -1.12
C GLY A 153 6.32 -5.03 -2.25
N VAL A 154 7.55 -5.29 -1.84
CA VAL A 154 8.57 -5.91 -2.66
C VAL A 154 8.94 -7.24 -2.02
N PRO A 155 8.48 -8.35 -2.57
CA PRO A 155 7.65 -8.40 -3.77
C PRO A 155 6.16 -8.13 -3.42
N VAL A 156 5.26 -8.07 -4.41
CA VAL A 156 3.82 -7.97 -4.16
C VAL A 156 3.33 -9.35 -3.77
N ARG A 157 2.14 -9.39 -3.22
CA ARG A 157 1.37 -10.61 -3.12
C ARG A 157 0.01 -10.32 -3.76
N THR A 158 -0.85 -11.32 -3.75
CA THR A 158 -2.20 -11.12 -4.25
C THR A 158 -2.94 -10.07 -3.42
N TYR A 159 -3.43 -9.05 -4.12
CA TYR A 159 -4.25 -8.05 -3.50
C TYR A 159 -5.74 -8.22 -3.87
N TPO A 160 -6.56 -7.28 -3.40
CA TPO A 160 -8.02 -7.30 -3.59
CB TPO A 160 -8.67 -6.02 -3.00
CG2 TPO A 160 -10.15 -6.04 -3.32
OG1 TPO A 160 -8.45 -6.02 -1.57
P TPO A 160 -7.39 -4.91 -0.97
O1P TPO A 160 -6.07 -4.91 -1.69
O2P TPO A 160 -7.12 -5.35 0.56
O3P TPO A 160 -8.07 -3.44 -0.86
C TPO A 160 -8.34 -7.46 -5.07
O TPO A 160 -7.86 -6.71 -5.92
N HIS A 161 -9.16 -8.47 -5.34
CA HIS A 161 -9.33 -9.01 -6.69
C HIS A 161 -10.11 -8.14 -7.67
N GLU A 162 -11.03 -7.29 -7.23
CA GLU A 162 -11.77 -6.48 -8.20
C GLU A 162 -11.65 -5.04 -7.74
N VAL A 163 -10.93 -4.25 -8.53
CA VAL A 163 -10.52 -2.91 -8.13
C VAL A 163 -10.58 -2.04 -9.38
N VAL A 164 -10.71 -0.72 -9.15
CA VAL A 164 -10.94 0.28 -10.19
C VAL A 164 -12.38 0.22 -10.68
N THR A 165 -12.97 1.38 -10.87
CA THR A 165 -14.32 1.43 -11.43
C THR A 165 -14.30 0.81 -12.83
N LEU A 166 -15.34 0.02 -13.14
CA LEU A 166 -15.33 -0.90 -14.26
C LEU A 166 -14.84 -0.27 -15.58
N TRP A 167 -15.32 0.93 -15.91
CA TRP A 167 -14.89 1.56 -17.15
C TRP A 167 -13.39 1.75 -17.22
N TYR A 168 -12.70 1.74 -16.08
CA TYR A 168 -11.27 1.98 -16.07
C TYR A 168 -10.45 0.78 -15.65
N ARG A 169 -11.08 -0.37 -15.47
CA ARG A 169 -10.40 -1.54 -14.95
C ARG A 169 -9.57 -2.22 -16.04
N ALA A 170 -8.36 -2.65 -15.67
CA ALA A 170 -7.46 -3.24 -16.63
C ALA A 170 -7.80 -4.70 -16.93
N PRO A 171 -7.41 -5.18 -18.12
CA PRO A 171 -7.77 -6.57 -18.52
C PRO A 171 -7.23 -7.65 -17.61
N GLU A 172 -5.98 -7.53 -17.15
CA GLU A 172 -5.44 -8.50 -16.19
C GLU A 172 -6.37 -8.67 -14.98
N ILE A 173 -7.01 -7.60 -14.53
CA ILE A 173 -7.92 -7.74 -13.40
C ILE A 173 -9.18 -8.52 -13.81
N LEU A 174 -9.81 -8.11 -14.91
CA LEU A 174 -11.00 -8.80 -15.42
C LEU A 174 -10.78 -10.31 -15.56
N LEU A 175 -9.58 -10.71 -16.00
CA LEU A 175 -9.22 -12.13 -16.14
C LEU A 175 -8.73 -12.78 -14.85
N GLY A 176 -8.83 -12.11 -13.70
CA GLY A 176 -8.47 -12.76 -12.45
C GLY A 176 -7.00 -13.05 -12.23
N CYS A 177 -6.11 -12.18 -12.69
CA CYS A 177 -4.67 -12.35 -12.48
C CYS A 177 -4.32 -12.49 -11.00
N LYS A 178 -3.35 -13.37 -10.72
CA LYS A 178 -2.85 -13.54 -9.36
C LYS A 178 -2.19 -12.27 -8.83
N TYR A 179 -1.36 -11.63 -9.65
CA TYR A 179 -0.59 -10.46 -9.25
C TYR A 179 -0.94 -9.32 -10.18
N TYR A 180 -1.07 -8.13 -9.61
CA TYR A 180 -1.00 -6.90 -10.38
C TYR A 180 -0.23 -5.88 -9.58
N SER A 181 0.32 -4.88 -10.26
CA SER A 181 0.92 -3.76 -9.54
C SER A 181 0.65 -2.47 -10.31
N THR A 182 1.70 -1.78 -10.77
CA THR A 182 1.56 -0.39 -11.19
C THR A 182 0.83 -0.25 -12.53
N ALA A 183 0.85 -1.29 -13.36
CA ALA A 183 0.24 -1.20 -14.68
C ALA A 183 -1.24 -0.86 -14.59
N VAL A 184 -1.93 -1.34 -13.54
CA VAL A 184 -3.38 -1.14 -13.51
C VAL A 184 -3.71 0.34 -13.47
N ASP A 185 -2.85 1.15 -12.83
CA ASP A 185 -3.08 2.58 -12.80
C ASP A 185 -2.83 3.22 -14.16
N ILE A 186 -1.81 2.72 -14.87
CA ILE A 186 -1.51 3.27 -16.20
C ILE A 186 -2.64 2.98 -17.15
N TRP A 187 -3.14 1.75 -17.14
CA TRP A 187 -4.32 1.45 -17.92
C TRP A 187 -5.41 2.48 -17.69
N SER A 188 -5.77 2.69 -16.42
CA SER A 188 -6.82 3.64 -16.11
C SER A 188 -6.60 4.99 -16.79
N LEU A 189 -5.37 5.49 -16.78
CA LEU A 189 -5.12 6.79 -17.36
C LEU A 189 -5.38 6.81 -18.86
N GLY A 190 -5.09 5.71 -19.54
CA GLY A 190 -5.39 5.60 -20.95
C GLY A 190 -6.87 5.73 -21.17
N CYS A 191 -7.67 4.88 -20.51
CA CYS A 191 -9.12 5.06 -20.60
C CYS A 191 -9.58 6.52 -20.39
N ILE A 192 -8.94 7.26 -19.48
CA ILE A 192 -9.24 8.67 -19.26
C ILE A 192 -8.74 9.56 -20.39
N PHE A 193 -7.54 9.30 -20.89
CA PHE A 193 -7.00 10.06 -22.00
C PHE A 193 -7.95 10.05 -23.19
N ALA A 194 -8.25 8.87 -23.73
CA ALA A 194 -9.21 8.74 -24.80
C ALA A 194 -10.61 9.26 -24.44
N GLU A 195 -11.00 9.14 -23.16
CA GLU A 195 -12.25 9.75 -22.71
C GLU A 195 -12.21 11.27 -22.77
N MET A 196 -11.03 11.87 -22.61
CA MET A 196 -10.94 13.30 -22.85
C MET A 196 -11.13 13.66 -24.33
N VAL A 197 -10.47 12.93 -25.23
CA VAL A 197 -10.56 13.29 -26.65
C VAL A 197 -11.95 12.98 -27.22
N THR A 198 -12.32 11.70 -27.25
CA THR A 198 -13.65 11.28 -27.68
C THR A 198 -14.79 11.85 -26.81
N ARG A 199 -14.46 12.59 -25.74
CA ARG A 199 -15.46 13.21 -24.86
C ARG A 199 -16.55 12.17 -24.55
N ARG A 200 -16.12 10.92 -24.35
CA ARG A 200 -16.94 9.73 -24.19
C ARG A 200 -16.05 8.52 -23.84
N ALA A 201 -16.48 7.78 -22.82
CA ALA A 201 -15.73 6.68 -22.25
C ALA A 201 -15.20 5.73 -23.31
N LEU A 202 -13.90 5.43 -23.26
CA LEU A 202 -13.33 4.51 -24.24
C LEU A 202 -13.95 3.12 -24.11
N PHE A 203 -14.15 2.63 -22.89
CA PHE A 203 -14.81 1.34 -22.69
C PHE A 203 -15.97 1.52 -21.73
N PRO A 204 -17.14 1.93 -22.22
CA PRO A 204 -18.24 2.10 -21.25
C PRO A 204 -19.02 0.80 -21.13
N GLY A 205 -18.39 -0.14 -20.44
CA GLY A 205 -18.99 -1.44 -20.23
C GLY A 205 -20.16 -1.35 -19.27
N ASP A 206 -21.20 -2.15 -19.56
CA ASP A 206 -22.31 -2.31 -18.63
C ASP A 206 -22.12 -3.52 -17.72
N SER A 207 -21.10 -4.33 -17.93
CA SER A 207 -20.88 -5.53 -17.13
C SER A 207 -19.38 -5.80 -17.07
N GLU A 208 -19.01 -6.83 -16.29
CA GLU A 208 -17.62 -7.26 -16.29
C GLU A 208 -17.23 -7.63 -17.70
N ILE A 209 -17.99 -8.56 -18.24
CA ILE A 209 -17.70 -9.13 -19.53
C ILE A 209 -17.88 -8.08 -20.62
N ASP A 210 -18.93 -7.28 -20.54
CA ASP A 210 -19.10 -6.22 -21.53
C ASP A 210 -17.91 -5.27 -21.57
N GLN A 211 -17.32 -4.96 -20.41
CA GLN A 211 -16.07 -4.18 -20.35
C GLN A 211 -14.91 -4.92 -21.01
N LEU A 212 -14.80 -6.23 -20.76
CA LEU A 212 -13.79 -7.02 -21.42
C LEU A 212 -13.94 -6.90 -22.95
N PHE A 213 -15.15 -7.16 -23.45
CA PHE A 213 -15.37 -7.15 -24.89
C PHE A 213 -15.26 -5.76 -25.50
N ARG A 214 -15.66 -4.70 -24.80
CA ARG A 214 -15.34 -3.37 -25.32
C ARG A 214 -13.84 -3.25 -25.58
N ILE A 215 -13.04 -3.81 -24.67
CA ILE A 215 -11.59 -3.76 -24.85
C ILE A 215 -11.15 -4.58 -26.06
N PHE A 216 -11.71 -5.79 -26.20
CA PHE A 216 -11.35 -6.62 -27.34
C PHE A 216 -11.75 -5.97 -28.68
N ARG A 217 -12.99 -5.52 -28.79
CA ARG A 217 -13.46 -4.82 -29.98
C ARG A 217 -12.48 -3.72 -30.37
N THR A 218 -11.96 -2.97 -29.40
CA THR A 218 -11.16 -1.81 -29.78
C THR A 218 -9.68 -2.12 -30.02
N LEU A 219 -9.10 -3.07 -29.29
CA LEU A 219 -7.68 -3.38 -29.38
C LEU A 219 -7.43 -4.69 -30.09
N GLY A 220 -8.47 -5.47 -30.32
CA GLY A 220 -8.31 -6.79 -30.86
C GLY A 220 -8.26 -7.75 -29.70
N THR A 221 -8.81 -8.94 -29.87
CA THR A 221 -8.71 -9.93 -28.81
C THR A 221 -7.26 -10.38 -28.69
N PRO A 222 -6.68 -10.36 -27.50
CA PRO A 222 -5.26 -10.72 -27.36
C PRO A 222 -5.04 -12.23 -27.51
N ASP A 223 -3.78 -12.60 -27.76
CA ASP A 223 -3.40 -14.00 -27.95
C ASP A 223 -2.00 -14.19 -27.40
N GLU A 224 -1.61 -15.47 -27.35
CA GLU A 224 -0.37 -15.89 -26.70
C GLU A 224 0.89 -15.22 -27.23
N VAL A 225 0.76 -14.40 -28.26
CA VAL A 225 1.90 -13.73 -28.86
C VAL A 225 1.93 -12.25 -28.49
N VAL A 226 0.78 -11.57 -28.50
CA VAL A 226 0.72 -10.19 -28.00
C VAL A 226 0.78 -10.15 -26.47
N TRP A 227 0.23 -11.15 -25.79
CA TRP A 227 0.24 -11.20 -24.35
C TRP A 227 0.46 -12.64 -23.96
N PRO A 228 1.71 -13.03 -23.82
CA PRO A 228 2.03 -14.40 -23.46
C PRO A 228 1.51 -14.74 -22.09
N GLY A 229 0.49 -15.60 -22.05
CA GLY A 229 -0.05 -16.08 -20.80
C GLY A 229 -1.55 -16.01 -20.72
N VAL A 230 -2.15 -15.11 -21.49
CA VAL A 230 -3.60 -14.91 -21.55
C VAL A 230 -4.40 -16.19 -21.50
N THR A 231 -3.97 -17.21 -22.25
CA THR A 231 -4.75 -18.44 -22.38
C THR A 231 -4.75 -19.26 -21.11
N SER A 232 -3.74 -19.12 -20.25
CA SER A 232 -3.68 -19.79 -18.96
C SER A 232 -4.22 -18.94 -17.81
N MET A 233 -4.79 -17.75 -18.08
CA MET A 233 -5.37 -16.97 -16.97
C MET A 233 -6.76 -17.48 -16.57
N PRO A 234 -7.05 -17.44 -15.25
CA PRO A 234 -8.29 -18.04 -14.70
C PRO A 234 -9.60 -17.73 -15.42
N ASP A 235 -9.86 -16.46 -15.72
CA ASP A 235 -11.12 -16.06 -16.33
C ASP A 235 -11.04 -15.98 -17.86
N TYR A 236 -10.00 -16.56 -18.45
CA TYR A 236 -9.90 -16.63 -19.90
C TYR A 236 -10.83 -17.69 -20.49
N LYS A 237 -11.64 -17.28 -21.49
CA LYS A 237 -12.48 -18.23 -22.19
C LYS A 237 -12.06 -18.28 -23.66
N PRO A 238 -11.79 -19.48 -24.21
CA PRO A 238 -11.56 -19.62 -25.67
C PRO A 238 -12.61 -18.99 -26.57
N SER A 239 -13.86 -18.97 -26.12
CA SER A 239 -15.02 -18.50 -26.85
C SER A 239 -15.06 -17.01 -27.13
N PHE A 240 -14.03 -16.26 -26.87
CA PHE A 240 -14.17 -14.84 -27.11
C PHE A 240 -14.14 -14.47 -28.57
N PRO A 241 -14.83 -13.38 -28.92
CA PRO A 241 -14.88 -12.89 -30.32
C PRO A 241 -13.62 -12.23 -30.85
N LYS A 242 -12.91 -12.91 -31.75
CA LYS A 242 -11.71 -12.36 -32.34
C LYS A 242 -12.01 -11.07 -33.05
N TRP A 243 -11.57 -9.98 -32.49
CA TRP A 243 -11.73 -8.68 -33.14
C TRP A 243 -10.42 -8.09 -33.63
N ALA A 244 -10.55 -7.02 -34.40
CA ALA A 244 -9.45 -6.41 -35.12
C ALA A 244 -9.09 -5.10 -34.47
N ARG A 245 -7.79 -4.90 -34.30
CA ARG A 245 -7.27 -3.64 -33.80
C ARG A 245 -7.70 -2.48 -34.72
N GLN A 246 -8.82 -1.82 -34.39
CA GLN A 246 -9.24 -0.69 -35.22
C GLN A 246 -8.17 0.39 -35.17
N ASP A 247 -7.81 0.90 -36.33
CA ASP A 247 -6.77 1.89 -36.41
C ASP A 247 -6.91 2.96 -35.37
N PHE A 248 -5.78 3.45 -34.91
CA PHE A 248 -5.82 4.44 -33.84
C PHE A 248 -6.17 5.79 -34.38
N SER A 249 -7.17 5.85 -35.24
CA SER A 249 -7.63 7.12 -35.71
C SER A 249 -9.12 6.97 -35.81
N LYS A 250 -9.57 5.75 -35.78
CA LYS A 250 -11.00 5.52 -35.80
C LYS A 250 -11.50 5.56 -34.40
N VAL A 251 -11.03 4.62 -33.58
CA VAL A 251 -11.42 4.60 -32.19
C VAL A 251 -11.17 5.96 -31.59
N VAL A 252 -10.26 6.74 -32.17
CA VAL A 252 -10.07 8.03 -31.53
C VAL A 252 -9.40 9.01 -32.50
N PRO A 253 -10.24 9.70 -33.28
CA PRO A 253 -9.79 10.51 -34.44
C PRO A 253 -8.93 11.71 -34.09
N PRO A 254 -9.36 12.64 -33.17
CA PRO A 254 -8.59 13.89 -32.99
C PRO A 254 -7.09 13.68 -32.78
N LEU A 255 -6.71 12.45 -32.47
CA LEU A 255 -5.32 12.23 -32.12
C LEU A 255 -4.44 12.30 -33.36
N ASP A 256 -3.24 12.81 -33.15
CA ASP A 256 -2.15 12.77 -34.11
C ASP A 256 -1.45 11.41 -34.00
N GLU A 257 -0.26 11.26 -34.58
CA GLU A 257 0.46 10.00 -34.44
C GLU A 257 0.88 9.75 -32.97
N ASP A 258 1.56 10.74 -32.33
CA ASP A 258 2.07 10.55 -30.96
C ASP A 258 0.96 10.28 -29.97
N GLY A 259 -0.14 11.01 -30.04
CA GLY A 259 -1.29 10.67 -29.21
C GLY A 259 -1.67 9.21 -29.38
N ARG A 260 -1.63 8.71 -30.62
CA ARG A 260 -1.91 7.30 -30.87
C ARG A 260 -0.82 6.41 -30.28
N SER A 261 0.45 6.81 -30.41
CA SER A 261 1.56 6.03 -29.86
C SER A 261 1.44 5.90 -28.33
N LEU A 262 1.43 7.05 -27.64
CA LEU A 262 1.32 7.07 -26.19
C LEU A 262 0.16 6.23 -25.73
N LEU A 263 -1.04 6.53 -26.24
CA LEU A 263 -2.22 5.81 -25.80
C LEU A 263 -2.11 4.31 -26.02
N SER A 264 -1.48 3.89 -27.11
CA SER A 264 -1.38 2.45 -27.36
C SER A 264 -0.35 1.78 -26.46
N GLN A 265 0.70 2.50 -26.12
CA GLN A 265 1.66 2.03 -25.11
C GLN A 265 1.05 2.00 -23.71
N MET A 266 0.06 2.86 -23.44
CA MET A 266 -0.66 2.80 -22.18
C MET A 266 -1.75 1.74 -22.18
N LEU A 267 -2.23 1.31 -23.34
CA LEU A 267 -3.23 0.24 -23.40
C LEU A 267 -2.67 -1.08 -23.90
N HIS A 268 -1.35 -1.25 -23.94
CA HIS A 268 -0.75 -2.57 -24.12
C HIS A 268 -1.42 -3.65 -23.27
N TYR A 269 -1.73 -4.80 -23.89
CA TYR A 269 -2.37 -5.89 -23.14
C TYR A 269 -1.48 -6.45 -22.02
N ASP A 270 -0.20 -6.63 -22.28
CA ASP A 270 0.66 -7.24 -21.29
C ASP A 270 1.10 -6.20 -20.27
N PRO A 271 0.74 -6.37 -19.00
CA PRO A 271 1.15 -5.42 -17.94
C PRO A 271 2.63 -5.20 -17.91
N ASN A 272 3.37 -6.24 -18.29
CA ASN A 272 4.81 -6.22 -18.26
C ASN A 272 5.41 -5.49 -19.44
N LYS A 273 4.68 -5.34 -20.54
CA LYS A 273 5.07 -4.46 -21.62
C LYS A 273 4.51 -3.04 -21.48
N ARG A 274 3.35 -2.90 -20.86
CA ARG A 274 2.72 -1.59 -20.70
C ARG A 274 3.66 -0.55 -20.08
N ILE A 275 3.52 0.68 -20.52
CA ILE A 275 4.46 1.74 -20.20
C ILE A 275 4.30 2.16 -18.73
N SER A 276 5.43 2.53 -18.12
CA SER A 276 5.46 3.08 -16.77
C SER A 276 4.99 4.53 -16.78
N ALA A 277 4.72 5.07 -15.59
CA ALA A 277 4.37 6.49 -15.53
C ALA A 277 5.58 7.36 -15.87
N LYS A 278 6.76 6.95 -15.41
CA LYS A 278 8.01 7.61 -15.75
C LYS A 278 8.22 7.67 -17.27
N ALA A 279 8.11 6.52 -17.92
CA ALA A 279 8.32 6.47 -19.35
C ALA A 279 7.28 7.30 -20.09
N ALA A 280 6.01 7.16 -19.73
CA ALA A 280 4.99 8.00 -20.34
C ALA A 280 5.32 9.48 -20.22
N LEU A 281 5.94 9.90 -19.11
CA LEU A 281 6.39 11.29 -19.00
C LEU A 281 7.47 11.63 -20.03
N ALA A 282 8.37 10.68 -20.32
CA ALA A 282 9.42 10.91 -21.32
C ALA A 282 8.98 10.77 -22.79
N HIS A 283 7.76 10.30 -23.06
CA HIS A 283 7.27 10.19 -24.43
C HIS A 283 7.30 11.54 -25.14
N PRO A 284 7.77 11.58 -26.39
CA PRO A 284 7.70 12.81 -27.22
C PRO A 284 6.48 13.68 -26.99
N PHE A 285 5.29 13.06 -26.97
CA PHE A 285 4.00 13.74 -26.77
C PHE A 285 4.04 14.85 -25.74
N PHE A 286 4.85 14.71 -24.70
CA PHE A 286 5.04 15.78 -23.72
C PHE A 286 6.35 16.51 -23.99
N GLN A 287 6.35 17.19 -25.14
CA GLN A 287 7.38 18.15 -25.47
C GLN A 287 6.93 19.60 -25.34
N ASP A 288 5.73 19.92 -25.82
CA ASP A 288 5.03 21.15 -25.48
C ASP A 288 4.28 21.01 -24.15
N VAL A 289 4.70 21.82 -23.19
CA VAL A 289 4.24 21.69 -21.82
C VAL A 289 3.25 22.81 -21.50
N THR A 290 2.04 22.71 -22.07
CA THR A 290 1.01 23.75 -21.97
C THR A 290 0.35 23.72 -20.59
N LYS A 291 -0.08 24.89 -20.12
CA LYS A 291 -0.79 24.95 -18.84
C LYS A 291 -1.89 26.00 -18.92
N PRO A 292 -3.00 25.67 -19.59
CA PRO A 292 -4.12 26.62 -19.76
C PRO A 292 -5.12 26.73 -18.60
N VAL A 293 -5.63 27.94 -18.39
CA VAL A 293 -6.74 28.17 -17.46
C VAL A 293 -8.04 27.69 -18.10
N PRO A 294 -8.80 26.86 -17.36
CA PRO A 294 -10.04 26.32 -17.93
C PRO A 294 -11.21 27.27 -17.83
N HIS A 295 -12.33 26.89 -18.44
CA HIS A 295 -13.53 27.70 -18.37
C HIS A 295 -14.49 27.18 -17.32
N LEU A 296 -14.74 27.99 -16.30
CA LEU A 296 -15.66 27.59 -15.24
C LEU A 296 -16.21 28.78 -14.50
N SER B 8 28.62 4.87 3.71
CA SER B 8 27.21 5.02 3.37
C SER B 8 26.63 3.69 2.98
N ARG B 9 25.45 3.73 2.40
CA ARG B 9 24.80 2.50 2.06
C ARG B 9 24.71 2.21 0.61
N GLY B 10 25.12 1.02 0.23
CA GLY B 10 24.99 0.54 -1.14
C GLY B 10 23.55 0.68 -1.63
N SEP B 11 23.31 0.70 -2.94
CA SEP B 11 21.94 0.67 -3.44
CB SEP B 11 21.68 1.75 -4.51
OG SEP B 11 22.39 2.96 -4.26
C SEP B 11 21.68 -0.68 -4.06
O SEP B 11 22.05 -0.89 -5.20
P SEP B 11 23.56 3.19 -5.38
O1P SEP B 11 23.03 4.23 -6.51
O2P SEP B 11 24.88 3.75 -4.62
O3P SEP B 11 23.90 1.80 -6.09
N PRO B 12 21.05 -1.60 -3.31
CA PRO B 12 20.92 -2.97 -3.82
C PRO B 12 19.87 -3.15 -4.90
N LEU B 13 18.93 -2.23 -5.07
CA LEU B 13 17.84 -2.46 -6.02
C LEU B 13 18.33 -2.52 -7.46
N PRO B 14 17.69 -3.32 -8.31
CA PRO B 14 18.03 -3.30 -9.74
C PRO B 14 17.44 -2.07 -10.40
N VAL B 15 17.59 -2.01 -11.72
CA VAL B 15 16.88 -1.02 -12.51
C VAL B 15 15.41 -1.39 -12.50
N LEU B 16 14.58 -0.39 -12.27
CA LEU B 16 13.15 -0.59 -12.08
C LEU B 16 12.43 -0.04 -13.30
N SER B 17 11.54 -0.86 -13.86
CA SER B 17 10.76 -0.42 -14.99
C SER B 17 9.63 0.50 -14.58
N TRP B 18 9.15 0.40 -13.34
CA TRP B 18 7.91 1.06 -12.91
C TRP B 18 8.15 2.37 -12.19
N ALA B 19 9.36 2.61 -11.70
CA ALA B 19 9.75 3.88 -11.14
C ALA B 19 11.28 3.94 -11.15
N ASN B 20 11.82 5.07 -10.68
CA ASN B 20 13.27 5.22 -10.60
C ASN B 20 13.82 4.64 -9.30
N ARG B 21 14.73 3.66 -9.44
CA ARG B 21 15.32 2.95 -8.30
C ARG B 21 15.96 3.89 -7.28
N GLU B 22 16.55 4.99 -7.76
CA GLU B 22 17.20 5.91 -6.82
C GLU B 22 16.17 6.59 -5.91
N GLU B 23 15.07 7.06 -6.51
CA GLU B 23 13.99 7.68 -5.72
C GLU B 23 13.34 6.69 -4.75
N VAL B 24 13.06 5.48 -5.25
CA VAL B 24 12.41 4.45 -4.44
C VAL B 24 13.28 4.13 -3.23
N TRP B 25 14.58 3.96 -3.47
CA TRP B 25 15.48 3.63 -2.39
C TRP B 25 15.61 4.77 -1.37
N LYS B 26 15.78 6.02 -1.86
CA LYS B 26 15.85 7.15 -0.92
C LYS B 26 14.58 7.33 -0.12
N ILE B 27 13.42 6.97 -0.69
CA ILE B 27 12.18 7.01 0.09
C ILE B 27 12.17 5.94 1.16
N MET B 28 12.58 4.73 0.81
CA MET B 28 12.70 3.66 1.80
C MET B 28 13.66 4.01 2.94
N LEU B 29 14.81 4.62 2.60
CA LEU B 29 15.77 4.97 3.66
C LEU B 29 15.24 6.08 4.53
N ASN B 30 14.48 7.01 3.95
CA ASN B 30 13.88 8.01 4.82
C ASN B 30 12.77 7.40 5.69
N LYS B 31 12.14 6.32 5.22
CA LYS B 31 11.17 5.66 6.08
C LYS B 31 11.86 5.10 7.30
N GLU B 32 13.08 4.54 7.11
CA GLU B 32 13.87 4.08 8.26
C GLU B 32 14.29 5.21 9.19
N LYS B 33 14.33 6.45 8.70
CA LYS B 33 14.67 7.59 9.56
C LYS B 33 13.51 8.15 10.37
N THR B 34 12.41 8.52 9.73
CA THR B 34 11.29 9.16 10.43
C THR B 34 10.45 8.26 11.35
N TYR B 35 10.61 6.94 11.34
CA TYR B 35 9.93 6.04 12.28
C TYR B 35 10.87 5.60 13.39
N LEU B 36 10.65 6.10 14.58
CA LEU B 36 11.62 5.88 15.64
C LEU B 36 11.15 4.81 16.59
N ARG B 37 12.11 4.07 17.12
CA ARG B 37 11.84 3.07 18.14
C ARG B 37 12.82 3.25 19.28
N ASP B 38 12.37 2.89 20.47
CA ASP B 38 13.09 3.18 21.72
C ASP B 38 13.19 1.93 22.57
N GLN B 39 14.41 1.38 22.64
CA GLN B 39 14.66 0.18 23.41
C GLN B 39 14.38 0.37 24.89
N HIS B 40 14.33 1.60 25.39
CA HIS B 40 14.08 1.86 26.80
C HIS B 40 12.67 2.32 27.13
N PHE B 41 11.71 2.23 26.19
CA PHE B 41 10.37 2.79 26.45
C PHE B 41 9.71 2.21 27.71
N LEU B 42 10.05 0.99 28.14
CA LEU B 42 9.44 0.45 29.35
C LEU B 42 9.87 1.16 30.61
N GLU B 43 10.95 1.93 30.55
CA GLU B 43 11.26 2.82 31.68
C GLU B 43 10.17 3.88 31.95
N GLN B 44 9.33 4.21 30.96
CA GLN B 44 8.19 5.08 31.18
C GLN B 44 7.05 4.34 31.85
N HIS B 45 7.20 3.04 32.07
CA HIS B 45 6.15 2.21 32.64
C HIS B 45 6.71 1.34 33.75
N PRO B 46 6.94 1.93 34.93
CA PRO B 46 7.67 1.21 35.99
C PRO B 46 6.96 -0.02 36.51
N LEU B 47 5.66 -0.13 36.36
CA LEU B 47 4.99 -1.37 36.69
C LEU B 47 5.17 -2.48 35.63
N LEU B 48 5.84 -2.23 34.51
CA LEU B 48 5.96 -3.23 33.45
C LEU B 48 7.40 -3.72 33.36
N GLN B 49 7.54 -4.98 32.94
CA GLN B 49 8.78 -5.70 32.69
C GLN B 49 8.86 -6.14 31.24
N PRO B 50 10.07 -6.21 30.67
CA PRO B 50 10.23 -6.71 29.29
C PRO B 50 9.59 -8.08 29.01
N LYS B 51 9.56 -8.99 29.99
CA LYS B 51 8.91 -10.27 29.76
C LYS B 51 7.44 -10.11 29.45
N MET B 52 6.83 -9.05 29.95
CA MET B 52 5.44 -8.80 29.69
C MET B 52 5.21 -8.45 28.23
N ARG B 53 6.11 -7.62 27.67
CA ARG B 53 6.11 -7.36 26.24
C ARG B 53 6.30 -8.63 25.42
N ALA B 54 7.22 -9.49 25.85
CA ALA B 54 7.48 -10.73 25.12
C ALA B 54 6.25 -11.63 25.14
N ILE B 55 5.58 -11.71 26.29
CA ILE B 55 4.38 -12.52 26.43
C ILE B 55 3.26 -11.99 25.56
N LEU B 56 3.07 -10.66 25.54
CA LEU B 56 2.05 -10.08 24.68
C LEU B 56 2.32 -10.36 23.19
N LEU B 57 3.52 -10.03 22.72
CA LEU B 57 3.87 -10.25 21.30
C LEU B 57 3.80 -11.73 20.90
N ASP B 58 4.34 -12.61 21.73
CA ASP B 58 4.19 -14.03 21.45
C ASP B 58 2.71 -14.45 21.31
N TRP B 59 1.85 -13.91 22.19
CA TRP B 59 0.43 -14.21 22.08
C TRP B 59 -0.18 -13.63 20.80
N LEU B 60 0.25 -12.42 20.38
CA LEU B 60 -0.25 -11.93 19.08
C LEU B 60 0.17 -12.87 17.94
N MET B 61 1.38 -13.41 17.97
CA MET B 61 1.77 -14.40 16.97
C MET B 61 0.82 -15.59 16.97
N GLU B 62 0.46 -16.07 18.16
CA GLU B 62 -0.48 -17.17 18.22
C GLU B 62 -1.83 -16.80 17.57
N VAL B 63 -2.37 -15.63 17.93
CA VAL B 63 -3.60 -15.14 17.31
C VAL B 63 -3.44 -15.04 15.78
N CYS B 64 -2.30 -14.54 15.30
CA CYS B 64 -2.09 -14.45 13.86
C CYS B 64 -2.17 -15.81 13.19
N GLU B 65 -1.60 -16.83 13.83
CA GLU B 65 -1.61 -18.15 13.20
C GLU B 65 -3.01 -18.74 13.16
N VAL B 66 -3.76 -18.64 14.25
CA VAL B 66 -5.15 -19.10 14.27
C VAL B 66 -5.97 -18.51 13.12
N TYR B 67 -5.77 -17.23 12.82
CA TYR B 67 -6.54 -16.54 11.79
C TYR B 67 -5.86 -16.47 10.42
N LYS B 68 -4.72 -17.14 10.25
CA LYS B 68 -3.97 -17.09 9.01
C LYS B 68 -3.63 -15.67 8.57
N LEU B 69 -3.27 -14.81 9.52
CA LEU B 69 -2.82 -13.46 9.19
C LEU B 69 -1.39 -13.46 8.63
N HIS B 70 -1.11 -12.48 7.80
CA HIS B 70 0.23 -12.34 7.26
C HIS B 70 1.29 -11.93 8.31
N ARG B 71 2.51 -12.40 8.06
CA ARG B 71 3.67 -11.93 8.81
C ARG B 71 3.70 -10.42 8.87
N GLU B 72 3.45 -9.77 7.71
CA GLU B 72 3.42 -8.32 7.65
C GLU B 72 2.44 -7.71 8.63
N THR B 73 1.27 -8.34 8.80
CA THR B 73 0.32 -7.86 9.80
C THR B 73 0.87 -7.95 11.21
N PHE B 74 1.53 -9.07 11.55
CA PHE B 74 2.10 -9.17 12.89
C PHE B 74 3.14 -8.06 13.08
N TYR B 75 4.06 -7.87 12.13
CA TYR B 75 5.10 -6.89 12.37
C TYR B 75 4.53 -5.48 12.37
N LEU B 76 3.44 -5.23 11.63
CA LEU B 76 2.82 -3.91 11.75
C LEU B 76 2.32 -3.73 13.16
N ALA B 77 1.70 -4.77 13.72
CA ALA B 77 1.16 -4.64 15.06
C ALA B 77 2.29 -4.44 16.08
N GLN B 78 3.36 -5.23 15.95
CA GLN B 78 4.52 -5.05 16.80
C GLN B 78 5.04 -3.61 16.78
N ASP B 79 5.23 -3.05 15.57
CA ASP B 79 5.69 -1.68 15.47
C ASP B 79 4.68 -0.69 16.09
N PHE B 80 3.36 -0.93 15.87
CA PHE B 80 2.37 -0.01 16.42
C PHE B 80 2.36 -0.09 17.92
N PHE B 81 2.53 -1.29 18.47
CA PHE B 81 2.59 -1.43 19.91
C PHE B 81 3.81 -0.70 20.50
N ASP B 82 5.00 -0.98 19.96
CA ASP B 82 6.22 -0.38 20.51
C ASP B 82 6.21 1.13 20.41
N ARG B 83 5.74 1.68 19.29
CA ARG B 83 5.74 3.13 19.18
C ARG B 83 4.62 3.77 20.00
N TYR B 84 3.47 3.10 20.10
CA TYR B 84 2.42 3.65 20.95
C TYR B 84 2.89 3.70 22.39
N MET B 85 3.49 2.61 22.86
CA MET B 85 3.91 2.59 24.24
C MET B 85 4.97 3.65 24.52
N ALA B 86 5.81 3.97 23.53
CA ALA B 86 6.77 5.05 23.74
C ALA B 86 6.08 6.41 23.87
N THR B 87 4.87 6.56 23.36
CA THR B 87 4.17 7.82 23.60
C THR B 87 3.39 7.88 24.93
N GLN B 88 3.37 6.85 25.76
CA GLN B 88 2.56 6.87 26.98
C GLN B 88 3.44 6.68 28.21
N GLU B 89 2.80 6.79 29.38
CA GLU B 89 3.47 6.60 30.67
C GLU B 89 2.53 5.86 31.60
N ASN B 90 3.14 5.09 32.52
CA ASN B 90 2.40 4.49 33.62
C ASN B 90 1.22 3.60 33.20
N VAL B 91 1.42 2.74 32.18
CA VAL B 91 0.36 1.82 31.76
C VAL B 91 0.40 0.61 32.69
N VAL B 92 -0.75 0.10 33.09
CA VAL B 92 -0.79 -1.08 33.97
C VAL B 92 -0.87 -2.35 33.13
N LYS B 93 -0.33 -3.44 33.67
CA LYS B 93 -0.30 -4.70 32.94
C LYS B 93 -1.68 -5.18 32.50
N THR B 94 -2.74 -4.86 33.25
CA THR B 94 -4.07 -5.28 32.81
C THR B 94 -4.52 -4.62 31.53
N LEU B 95 -3.87 -3.52 31.09
CA LEU B 95 -4.22 -2.89 29.83
C LEU B 95 -3.46 -3.44 28.62
N LEU B 96 -2.36 -4.18 28.86
CA LEU B 96 -1.49 -4.59 27.75
C LEU B 96 -2.24 -5.44 26.73
N GLN B 97 -3.11 -6.34 27.19
CA GLN B 97 -3.80 -7.17 26.21
C GLN B 97 -4.60 -6.32 25.23
N LEU B 98 -5.33 -5.32 25.75
CA LEU B 98 -6.14 -4.46 24.90
C LEU B 98 -5.28 -3.63 23.95
N ILE B 99 -4.15 -3.12 24.43
CA ILE B 99 -3.29 -2.34 23.55
C ILE B 99 -2.77 -3.20 22.40
N GLY B 100 -2.39 -4.44 22.72
CA GLY B 100 -1.85 -5.33 21.71
C GLY B 100 -2.88 -5.77 20.70
N ILE B 101 -4.05 -6.22 21.19
CA ILE B 101 -5.09 -6.70 20.30
C ILE B 101 -5.64 -5.56 19.44
N SER B 102 -5.73 -4.33 19.97
CA SER B 102 -6.15 -3.20 19.12
C SER B 102 -5.08 -2.85 18.06
N SER B 103 -3.80 -2.95 18.43
CA SER B 103 -2.75 -2.80 17.42
C SER B 103 -2.89 -3.83 16.29
N LEU B 104 -3.20 -5.06 16.66
CA LEU B 104 -3.36 -6.06 15.61
C LEU B 104 -4.61 -5.77 14.77
N PHE B 105 -5.68 -5.32 15.41
CA PHE B 105 -6.87 -4.94 14.67
C PHE B 105 -6.57 -3.87 13.64
N ILE B 106 -5.88 -2.78 14.04
CA ILE B 106 -5.49 -1.76 13.07
C ILE B 106 -4.66 -2.37 11.94
N ALA B 107 -3.68 -3.19 12.30
CA ALA B 107 -2.75 -3.69 11.31
C ALA B 107 -3.50 -4.57 10.30
N ALA B 108 -4.35 -5.47 10.81
CA ALA B 108 -5.15 -6.34 9.94
C ALA B 108 -6.05 -5.53 8.99
N LYS B 109 -6.71 -4.48 9.50
CA LYS B 109 -7.50 -3.63 8.59
C LYS B 109 -6.64 -2.99 7.53
N LEU B 110 -5.41 -2.57 7.88
CA LEU B 110 -4.51 -2.00 6.86
C LEU B 110 -4.06 -3.01 5.83
N GLU B 111 -3.64 -4.19 6.29
CA GLU B 111 -2.88 -5.13 5.49
C GLU B 111 -3.69 -6.24 4.82
N GLU B 112 -4.68 -6.82 5.49
CA GLU B 112 -5.39 -7.99 4.96
C GLU B 112 -6.50 -7.61 4.01
N ILE B 113 -6.79 -8.50 3.07
CA ILE B 113 -7.87 -8.25 2.14
C ILE B 113 -9.20 -8.33 2.86
N TYR B 114 -9.48 -9.46 3.52
CA TYR B 114 -10.68 -9.68 4.31
C TYR B 114 -10.24 -10.04 5.71
N PRO B 115 -10.02 -9.05 6.57
CA PRO B 115 -9.54 -9.33 7.93
C PRO B 115 -10.62 -9.96 8.78
N PRO B 116 -10.27 -10.58 9.90
CA PRO B 116 -11.31 -11.04 10.81
C PRO B 116 -12.10 -9.85 11.32
N LYS B 117 -13.36 -10.11 11.70
CA LYS B 117 -14.24 -9.04 12.16
C LYS B 117 -13.90 -8.69 13.60
N LEU B 118 -14.33 -7.50 14.02
CA LEU B 118 -14.16 -7.02 15.40
C LEU B 118 -14.42 -8.09 16.45
N HIS B 119 -15.53 -8.83 16.27
CA HIS B 119 -15.93 -9.89 17.20
C HIS B 119 -14.91 -11.00 17.35
N GLN B 120 -14.17 -11.37 16.34
CA GLN B 120 -13.03 -12.30 16.54
C GLN B 120 -11.90 -11.69 17.39
N PHE B 121 -11.53 -10.42 17.12
CA PHE B 121 -10.49 -9.79 17.93
C PHE B 121 -10.91 -9.72 19.38
N ALA B 122 -12.20 -9.50 19.64
CA ALA B 122 -12.65 -9.58 21.04
C ALA B 122 -12.65 -11.03 21.52
N TYR B 123 -13.18 -11.94 20.70
CA TYR B 123 -13.27 -13.35 21.11
C TYR B 123 -11.96 -13.93 21.60
N VAL B 124 -10.88 -13.81 20.82
CA VAL B 124 -9.60 -14.37 21.23
C VAL B 124 -9.12 -13.85 22.59
N THR B 125 -9.58 -12.68 23.04
CA THR B 125 -9.12 -12.24 24.36
C THR B 125 -9.87 -12.92 25.49
N ASP B 126 -10.78 -13.84 25.18
CA ASP B 126 -11.36 -14.69 26.21
C ASP B 126 -11.98 -13.89 27.34
N GLY B 127 -12.78 -12.87 26.97
CA GLY B 127 -13.44 -11.98 27.91
C GLY B 127 -12.65 -10.78 28.41
N ALA B 128 -11.33 -10.76 28.27
CA ALA B 128 -10.59 -9.62 28.79
C ALA B 128 -10.92 -8.29 28.06
N CYS B 129 -11.28 -8.33 26.76
CA CYS B 129 -11.49 -7.12 25.97
C CYS B 129 -12.77 -7.21 25.19
N SER B 130 -13.64 -6.20 25.29
CA SER B 130 -14.83 -6.21 24.47
C SER B 130 -14.58 -5.49 23.15
N GLY B 131 -15.51 -5.69 22.23
CA GLY B 131 -15.47 -4.97 20.96
C GLY B 131 -15.39 -3.46 21.12
N ASP B 132 -16.25 -2.91 21.99
CA ASP B 132 -16.27 -1.47 22.18
C ASP B 132 -14.95 -0.98 22.77
N GLU B 133 -14.37 -1.77 23.69
CA GLU B 133 -13.06 -1.43 24.26
C GLU B 133 -12.00 -1.40 23.17
N ILE B 134 -12.06 -2.34 22.23
CA ILE B 134 -11.11 -2.35 21.13
C ILE B 134 -11.33 -1.12 20.23
N LEU B 135 -12.59 -0.73 19.99
CA LEU B 135 -12.84 0.48 19.18
C LEU B 135 -12.37 1.74 19.87
N THR B 136 -12.42 1.79 21.20
CA THR B 136 -11.87 2.93 21.91
C THR B 136 -10.34 2.96 21.78
N MET B 137 -9.70 1.80 22.04
CA MET B 137 -8.25 1.75 22.06
C MET B 137 -7.66 2.01 20.67
N GLU B 138 -8.32 1.54 19.58
CA GLU B 138 -7.72 1.75 18.26
C GLU B 138 -7.60 3.25 17.95
N LEU B 139 -8.61 4.03 18.32
CA LEU B 139 -8.51 5.48 18.13
C LEU B 139 -7.43 6.08 19.01
N MET B 140 -7.34 5.62 20.26
CA MET B 140 -6.26 6.12 21.10
C MET B 140 -4.90 5.88 20.49
N ILE B 141 -4.71 4.71 19.87
CA ILE B 141 -3.42 4.35 19.28
C ILE B 141 -3.16 5.20 18.05
N MET B 142 -4.11 5.23 17.11
CA MET B 142 -3.86 5.93 15.87
C MET B 142 -3.62 7.41 16.12
N LYS B 143 -4.32 8.01 17.08
CA LYS B 143 -4.10 9.44 17.29
C LYS B 143 -2.77 9.68 17.96
N ALA B 144 -2.43 8.84 18.96
CA ALA B 144 -1.14 9.01 19.58
C ALA B 144 0.00 8.78 18.57
N LEU B 145 -0.20 7.97 17.55
CA LEU B 145 0.88 7.80 16.59
C LEU B 145 0.77 8.80 15.45
N LYS B 146 -0.15 9.76 15.56
CA LYS B 146 -0.35 10.77 14.53
C LYS B 146 -0.64 10.15 13.19
N TRP B 147 -1.32 9.01 13.22
CA TRP B 147 -1.62 8.29 12.00
C TRP B 147 -0.40 7.92 11.18
N ARG B 148 0.77 7.75 11.80
CA ARG B 148 1.91 7.28 11.03
C ARG B 148 1.88 5.76 11.12
N LEU B 149 1.27 5.15 10.10
CA LEU B 149 0.93 3.74 10.13
C LEU B 149 1.48 2.99 8.93
N SER B 150 2.52 3.52 8.30
CA SER B 150 3.16 2.88 7.14
C SER B 150 4.67 2.68 7.37
N PRO B 151 5.09 2.05 8.47
CA PRO B 151 6.52 1.76 8.62
C PRO B 151 6.97 0.70 7.61
N LEU B 152 8.28 0.63 7.40
CA LEU B 152 8.87 -0.56 6.79
C LEU B 152 9.13 -1.50 7.95
N THR B 153 8.39 -2.60 8.00
CA THR B 153 8.59 -3.54 9.10
C THR B 153 9.87 -4.36 8.92
N ILE B 154 10.23 -5.03 10.02
CA ILE B 154 11.35 -5.99 10.00
C ILE B 154 11.19 -6.98 8.86
N VAL B 155 10.01 -7.62 8.78
CA VAL B 155 9.81 -8.64 7.77
C VAL B 155 9.75 -8.06 6.37
N SER B 156 9.28 -6.84 6.20
CA SER B 156 9.33 -6.30 4.84
C SER B 156 10.76 -6.11 4.37
N TRP B 157 11.67 -5.69 5.27
CA TRP B 157 13.09 -5.66 4.91
C TRP B 157 13.60 -7.03 4.52
N LEU B 158 13.16 -8.07 5.23
CA LEU B 158 13.56 -9.41 4.81
C LEU B 158 13.03 -9.74 3.42
N ASN B 159 11.79 -9.36 3.12
CA ASN B 159 11.25 -9.57 1.77
C ASN B 159 12.10 -8.89 0.70
N VAL B 160 12.47 -7.63 0.93
CA VAL B 160 13.33 -6.94 -0.03
C VAL B 160 14.62 -7.71 -0.25
N TYR B 161 15.28 -8.07 0.86
CA TYR B 161 16.55 -8.77 0.76
C TYR B 161 16.43 -10.08 0.00
N MET B 162 15.38 -10.88 0.29
CA MET B 162 15.23 -12.16 -0.40
C MET B 162 15.02 -11.94 -1.90
N GLN B 163 14.23 -10.93 -2.27
CA GLN B 163 13.97 -10.66 -3.68
C GLN B 163 15.25 -10.26 -4.40
N VAL B 164 16.06 -9.39 -3.78
CA VAL B 164 17.34 -9.05 -4.41
C VAL B 164 18.20 -10.30 -4.55
N ALA B 165 18.27 -11.11 -3.49
CA ALA B 165 19.10 -12.30 -3.49
C ALA B 165 18.81 -13.26 -4.66
N TYR B 166 17.56 -13.40 -5.02
CA TYR B 166 17.18 -14.35 -6.05
C TYR B 166 16.67 -13.72 -7.32
N LEU B 167 17.14 -12.52 -7.61
CA LEU B 167 16.74 -11.85 -8.83
C LEU B 167 17.22 -12.63 -9.99
N ASN B 168 16.34 -12.80 -10.96
CA ASN B 168 16.66 -13.56 -12.12
C ASN B 168 16.98 -12.67 -13.29
N ASP B 169 17.07 -13.28 -14.46
CA ASP B 169 17.37 -12.53 -15.66
C ASP B 169 16.43 -11.34 -15.80
N LEU B 170 15.19 -11.49 -15.34
CA LEU B 170 14.12 -10.57 -15.69
C LEU B 170 14.30 -9.21 -15.02
N HIS B 171 15.16 -9.12 -14.00
CA HIS B 171 15.24 -7.96 -13.11
C HIS B 171 13.86 -7.40 -12.73
N GLU B 172 12.94 -8.32 -12.38
CA GLU B 172 11.59 -7.94 -11.96
C GLU B 172 11.53 -8.31 -10.49
N VAL B 173 11.85 -7.30 -9.69
CA VAL B 173 11.78 -7.33 -8.25
C VAL B 173 10.36 -7.40 -7.71
N LEU B 174 9.31 -7.13 -8.51
CA LEU B 174 7.96 -7.26 -7.93
C LEU B 174 7.34 -8.66 -7.96
N LEU B 175 7.68 -9.53 -8.88
CA LEU B 175 7.14 -10.89 -8.79
C LEU B 175 7.94 -11.74 -7.82
N PRO B 176 7.29 -12.43 -6.87
CA PRO B 176 8.03 -13.23 -5.87
C PRO B 176 8.90 -14.30 -6.52
N GLN B 177 10.20 -14.29 -6.18
CA GLN B 177 11.15 -15.22 -6.78
C GLN B 177 11.99 -15.99 -5.76
N TYR B 178 11.78 -15.81 -4.55
CA TYR B 178 12.65 -16.48 -3.58
C TYR B 178 12.07 -17.82 -3.05
N PRO B 179 12.89 -18.80 -2.68
CA PRO B 179 12.34 -20.04 -2.16
C PRO B 179 11.88 -19.88 -0.72
N GLN B 180 10.99 -20.78 -0.32
CA GLN B 180 10.25 -20.59 0.90
C GLN B 180 11.06 -20.87 2.14
N GLN B 181 11.86 -21.95 2.13
CA GLN B 181 12.51 -22.43 3.35
C GLN B 181 13.48 -21.40 3.94
N ILE B 182 14.31 -20.80 3.10
CA ILE B 182 15.22 -19.77 3.58
C ILE B 182 14.45 -18.63 4.22
N PHE B 183 13.36 -18.20 3.58
CA PHE B 183 12.56 -17.10 4.12
C PHE B 183 12.01 -17.46 5.52
N ILE B 184 11.34 -18.60 5.66
CA ILE B 184 10.77 -18.90 6.97
C ILE B 184 11.86 -19.11 8.02
N GLN B 185 13.01 -19.67 7.65
CA GLN B 185 14.04 -19.89 8.66
C GLN B 185 14.60 -18.56 9.19
N ILE B 186 14.86 -17.61 8.30
CA ILE B 186 15.36 -16.34 8.80
C ILE B 186 14.26 -15.67 9.62
N ALA B 187 13.03 -15.65 9.07
CA ALA B 187 11.88 -15.13 9.79
C ALA B 187 11.73 -15.71 11.20
N GLU B 188 11.92 -17.02 11.35
CA GLU B 188 11.84 -17.60 12.67
C GLU B 188 12.86 -16.99 13.62
N LEU B 189 14.07 -16.73 13.13
CA LEU B 189 15.03 -16.06 14.01
C LEU B 189 14.58 -14.64 14.38
N LEU B 190 14.11 -13.87 13.38
CA LEU B 190 13.59 -12.55 13.66
C LEU B 190 12.40 -12.58 14.66
N ASP B 191 11.50 -13.56 14.53
CA ASP B 191 10.37 -13.67 15.46
C ASP B 191 10.85 -13.91 16.89
N LEU B 192 11.96 -14.61 17.02
CA LEU B 192 12.54 -14.79 18.35
C LEU B 192 13.14 -13.49 18.85
N CYS B 193 13.95 -12.82 18.02
CA CYS B 193 14.64 -11.61 18.46
C CYS B 193 13.68 -10.50 18.86
N VAL B 194 12.57 -10.37 18.15
CA VAL B 194 11.68 -9.22 18.34
C VAL B 194 10.99 -9.29 19.70
N LEU B 195 10.91 -10.49 20.27
CA LEU B 195 10.39 -10.64 21.61
C LEU B 195 11.26 -9.97 22.66
N ASP B 196 12.49 -9.59 22.34
CA ASP B 196 13.39 -8.94 23.31
C ASP B 196 13.45 -7.45 22.97
N VAL B 197 12.97 -6.63 23.89
CA VAL B 197 12.86 -5.20 23.65
C VAL B 197 14.21 -4.57 23.30
N ASP B 198 15.33 -5.19 23.71
CA ASP B 198 16.61 -4.65 23.31
C ASP B 198 16.80 -4.62 21.80
N CYS B 199 16.02 -5.40 21.05
CA CYS B 199 16.16 -5.37 19.60
C CYS B 199 15.92 -3.97 19.04
N LEU B 200 15.09 -3.18 19.72
CA LEU B 200 14.74 -1.86 19.21
C LEU B 200 15.95 -0.93 19.17
N GLU B 201 17.06 -1.32 19.80
CA GLU B 201 18.30 -0.59 19.57
C GLU B 201 18.70 -0.55 18.09
N PHE B 202 18.41 -1.61 17.32
CA PHE B 202 18.88 -1.70 15.92
C PHE B 202 17.79 -1.29 14.95
N PRO B 203 18.13 -0.55 13.89
CA PRO B 203 17.15 -0.26 12.84
C PRO B 203 16.59 -1.55 12.23
N TYR B 204 15.35 -1.48 11.74
CA TYR B 204 14.68 -2.72 11.32
C TYR B 204 15.44 -3.38 10.19
N GLY B 205 15.98 -2.58 9.24
CA GLY B 205 16.74 -3.15 8.13
C GLY B 205 18.04 -3.82 8.57
N ILE B 206 18.62 -3.37 9.69
CA ILE B 206 19.80 -4.02 10.24
C ILE B 206 19.44 -5.29 10.98
N LEU B 207 18.32 -5.30 11.70
CA LEU B 207 17.90 -6.58 12.25
C LEU B 207 17.69 -7.60 11.14
N ALA B 208 17.04 -7.19 10.05
CA ALA B 208 16.76 -8.16 9.01
C ALA B 208 18.06 -8.61 8.34
N ALA B 209 18.99 -7.68 8.09
CA ALA B 209 20.29 -8.01 7.51
C ALA B 209 21.10 -8.93 8.42
N SER B 210 21.03 -8.73 9.74
CA SER B 210 21.81 -9.53 10.69
C SER B 210 21.27 -10.95 10.78
N ALA B 211 19.94 -11.10 10.79
CA ALA B 211 19.35 -12.44 10.78
C ALA B 211 19.73 -13.15 9.48
N LEU B 212 19.62 -12.43 8.36
CA LEU B 212 20.05 -12.97 7.07
C LEU B 212 21.51 -13.44 7.13
N TYR B 213 22.37 -12.62 7.72
CA TYR B 213 23.77 -12.95 7.82
C TYR B 213 23.98 -14.26 8.57
N HIS B 214 23.39 -14.35 9.78
CA HIS B 214 23.47 -15.61 10.50
C HIS B 214 22.94 -16.79 9.73
N PHE B 215 22.15 -16.57 8.68
CA PHE B 215 21.78 -17.70 7.85
C PHE B 215 22.51 -17.77 6.51
N SER B 216 23.52 -16.92 6.28
CA SER B 216 24.16 -16.97 4.97
C SER B 216 25.60 -16.52 5.10
N SER B 217 25.97 -15.41 4.48
CA SER B 217 27.37 -14.98 4.49
C SER B 217 27.43 -13.47 4.42
N SER B 218 28.62 -12.93 4.65
CA SER B 218 28.85 -11.50 4.43
C SER B 218 28.64 -11.13 2.96
N GLU B 219 29.09 -11.99 2.03
CA GLU B 219 28.85 -11.69 0.63
C GLU B 219 27.37 -11.45 0.40
N LEU B 220 26.54 -12.39 0.85
CA LEU B 220 25.12 -12.24 0.55
C LEU B 220 24.54 -11.01 1.24
N MET B 221 24.83 -10.85 2.53
CA MET B 221 24.34 -9.73 3.31
C MET B 221 24.62 -8.41 2.57
N GLN B 222 25.87 -8.22 2.13
CA GLN B 222 26.23 -6.97 1.51
C GLN B 222 25.57 -6.84 0.16
N LYS B 223 25.56 -7.91 -0.62
CA LYS B 223 24.88 -7.90 -1.90
C LYS B 223 23.44 -7.41 -1.79
N VAL B 224 22.68 -7.95 -0.85
CA VAL B 224 21.24 -7.68 -0.83
C VAL B 224 20.86 -6.46 0.00
N SER B 225 21.65 -6.09 1.01
CA SER B 225 21.28 -4.94 1.84
C SER B 225 22.05 -3.65 1.54
N GLY B 226 23.23 -3.76 0.94
CA GLY B 226 24.11 -2.61 0.80
C GLY B 226 24.80 -2.15 2.08
N TYR B 227 24.67 -2.85 3.20
CA TYR B 227 25.34 -2.42 4.42
C TYR B 227 26.81 -2.83 4.37
N GLN B 228 27.63 -2.12 5.12
CA GLN B 228 28.99 -2.60 5.32
C GLN B 228 28.98 -3.35 6.63
N TRP B 229 30.00 -4.19 6.79
CA TRP B 229 30.04 -5.03 7.98
C TRP B 229 30.00 -4.20 9.26
N CYS B 230 30.63 -3.02 9.28
CA CYS B 230 30.62 -2.23 10.51
C CYS B 230 29.22 -1.71 10.86
N ASP B 231 28.36 -1.48 9.87
CA ASP B 231 26.98 -1.08 10.14
C ASP B 231 26.23 -2.14 10.96
N ILE B 232 26.41 -3.43 10.67
CA ILE B 232 25.61 -4.46 11.32
C ILE B 232 26.34 -5.19 12.42
N GLU B 233 27.63 -4.92 12.60
CA GLU B 233 28.46 -5.70 13.50
C GLU B 233 27.86 -5.83 14.91
N ASN B 234 27.41 -4.72 15.50
CA ASN B 234 26.91 -4.81 16.87
C ASN B 234 25.64 -5.66 16.92
N CYS B 235 24.79 -5.50 15.90
CA CYS B 235 23.55 -6.24 15.85
C CYS B 235 23.81 -7.72 15.68
N VAL B 236 24.69 -8.06 14.75
CA VAL B 236 25.15 -9.42 14.56
C VAL B 236 25.62 -10.03 15.86
N LYS B 237 26.47 -9.27 16.58
CA LYS B 237 27.04 -9.81 17.82
C LYS B 237 25.93 -10.04 18.84
N TRP B 238 25.06 -9.04 19.01
CA TRP B 238 23.88 -9.16 19.86
C TRP B 238 23.02 -10.36 19.53
N MET B 239 22.87 -10.66 18.24
CA MET B 239 21.99 -11.75 17.79
C MET B 239 22.55 -13.14 18.00
N VAL B 240 23.87 -13.26 18.11
CA VAL B 240 24.54 -14.57 18.21
C VAL B 240 23.80 -15.58 19.11
N PRO B 241 23.51 -15.30 20.39
CA PRO B 241 22.80 -16.32 21.22
C PRO B 241 21.42 -16.73 20.68
N PHE B 242 20.67 -15.80 20.06
CA PHE B 242 19.35 -16.16 19.53
C PHE B 242 19.53 -17.12 18.35
N ALA B 243 20.52 -16.80 17.50
CA ALA B 243 20.85 -17.70 16.41
C ALA B 243 21.32 -19.06 16.93
N MET B 244 22.10 -19.07 18.01
CA MET B 244 22.50 -20.32 18.65
C MET B 244 21.29 -21.16 19.08
N VAL B 245 20.35 -20.53 19.80
CA VAL B 245 19.19 -21.25 20.33
C VAL B 245 18.35 -21.81 19.19
N ILE B 246 18.23 -21.06 18.11
CA ILE B 246 17.45 -21.54 16.96
C ILE B 246 18.17 -22.73 16.30
N ARG B 247 19.49 -22.61 16.10
CA ARG B 247 20.26 -23.68 15.48
C ARG B 247 20.24 -24.96 16.31
N GLU B 248 20.42 -24.86 17.64
CA GLU B 248 20.30 -26.02 18.52
C GLU B 248 18.94 -26.68 18.39
N THR B 249 17.89 -25.91 18.54
CA THR B 249 16.55 -26.46 18.45
C THR B 249 16.20 -26.96 17.07
N GLY B 250 16.74 -26.35 16.04
CA GLY B 250 16.43 -26.70 14.66
C GLY B 250 15.29 -25.83 14.16
N SER B 251 15.31 -25.59 12.86
CA SER B 251 14.35 -24.67 12.27
C SER B 251 13.01 -25.37 12.09
N SER B 252 11.92 -24.65 12.27
CA SER B 252 10.62 -25.23 12.01
C SER B 252 10.41 -25.45 10.51
N LYS B 253 9.67 -26.49 10.17
CA LYS B 253 9.29 -26.76 8.78
C LYS B 253 8.15 -25.84 8.34
N LEU B 254 8.00 -25.70 7.01
CA LEU B 254 6.89 -24.97 6.42
C LEU B 254 5.54 -25.60 6.74
N LYS B 255 4.70 -24.85 7.44
CA LYS B 255 3.31 -25.24 7.67
C LYS B 255 2.42 -24.91 6.46
N HIS B 256 1.33 -25.67 6.33
CA HIS B 256 0.31 -25.34 5.34
C HIS B 256 -0.98 -24.88 6.02
N PHE B 257 -1.82 -24.18 5.26
CA PHE B 257 -2.94 -23.51 5.87
C PHE B 257 -4.19 -23.70 5.03
N ARG B 258 -5.30 -23.93 5.73
CA ARG B 258 -6.56 -24.12 5.06
CA ARG B 258 -6.56 -24.12 5.05
C ARG B 258 -6.90 -22.86 4.28
N GLY B 259 -7.16 -23.01 2.99
CA GLY B 259 -7.52 -21.86 2.17
C GLY B 259 -6.35 -21.07 1.63
N VAL B 260 -5.12 -21.45 1.93
CA VAL B 260 -3.91 -20.81 1.41
C VAL B 260 -3.19 -21.77 0.49
N ALA B 261 -2.86 -21.31 -0.71
CA ALA B 261 -2.04 -22.13 -1.61
C ALA B 261 -0.69 -22.35 -0.99
N ASP B 262 -0.16 -23.56 -1.18
CA ASP B 262 1.11 -23.94 -0.56
C ASP B 262 2.23 -23.00 -0.99
N GLU B 263 2.22 -22.55 -2.24
CA GLU B 263 3.23 -21.60 -2.68
C GLU B 263 3.15 -20.26 -1.98
N ASP B 264 2.07 -19.96 -1.29
CA ASP B 264 1.91 -18.72 -0.54
C ASP B 264 2.08 -18.91 0.96
N ALA B 265 2.19 -20.15 1.43
CA ALA B 265 2.03 -20.41 2.85
C ALA B 265 3.12 -19.79 3.72
N HIS B 266 4.30 -19.54 3.15
CA HIS B 266 5.38 -18.89 3.88
C HIS B 266 5.05 -17.47 4.29
N ASN B 267 4.10 -16.81 3.62
CA ASN B 267 3.71 -15.45 4.05
C ASN B 267 2.86 -15.41 5.31
N ILE B 268 2.37 -16.56 5.81
CA ILE B 268 1.45 -16.57 6.96
C ILE B 268 2.24 -16.68 8.25
N GLN B 269 1.91 -15.83 9.21
CA GLN B 269 2.62 -15.81 10.48
C GLN B 269 2.34 -17.09 11.25
N THR B 270 3.40 -17.69 11.77
CA THR B 270 3.28 -18.91 12.55
C THR B 270 3.57 -18.60 14.02
N HIS B 271 3.21 -19.51 14.90
CA HIS B 271 3.43 -19.32 16.32
C HIS B 271 4.37 -20.34 16.90
N ARG B 272 5.23 -19.89 17.78
CA ARG B 272 6.21 -20.75 18.36
C ARG B 272 6.13 -20.61 19.84
N ASP B 273 6.09 -21.71 20.53
CA ASP B 273 6.14 -21.58 21.96
C ASP B 273 7.60 -21.38 22.21
N SER B 274 8.05 -20.16 22.06
CA SER B 274 9.46 -19.88 22.18
C SER B 274 9.83 -18.88 23.30
N LEU B 275 8.98 -18.72 24.32
CA LEU B 275 9.38 -17.87 25.45
C LEU B 275 10.51 -18.55 26.24
N ASP B 276 10.51 -19.87 26.28
CA ASP B 276 11.67 -20.60 26.80
C ASP B 276 12.88 -20.39 25.90
N LEU B 277 12.73 -20.45 24.56
CA LEU B 277 13.87 -20.13 23.70
C LEU B 277 14.41 -18.75 24.02
N LEU B 278 13.53 -17.76 24.19
CA LEU B 278 13.94 -16.41 24.54
C LEU B 278 14.76 -16.41 25.81
N ASP B 279 14.29 -17.13 26.83
CA ASP B 279 15.04 -17.21 28.07
C ASP B 279 16.41 -17.87 27.89
N LYS B 280 16.47 -19.01 27.17
CA LYS B 280 17.78 -19.58 26.86
C LYS B 280 18.72 -18.57 26.19
N ALA B 281 18.20 -17.84 25.20
CA ALA B 281 19.03 -16.88 24.48
C ALA B 281 19.56 -15.78 25.39
N ARG B 282 18.76 -15.35 26.37
CA ARG B 282 19.21 -14.21 27.18
C ARG B 282 20.05 -14.65 28.36
N ALA B 283 19.77 -15.84 28.89
CA ALA B 283 20.63 -16.52 29.84
C ALA B 283 22.10 -16.63 29.38
N LYS B 284 22.34 -16.89 28.09
CA LYS B 284 23.74 -16.98 27.62
C LYS B 284 24.53 -15.69 27.80
N LYS B 285 23.91 -14.52 27.74
CA LYS B 285 24.70 -13.27 27.76
C LYS B 285 25.60 -13.18 29.01
N1 A1A1H C . -14.00 19.88 -5.12
N3 A1A1H C . -13.41 15.70 -3.27
C4 A1A1H C . -17.25 20.01 -6.83
C5 A1A1H C . -16.16 20.35 -6.06
C6 A1A1H C . -16.09 21.67 -5.35
C7 A1A1H C . -15.09 19.46 -5.91
C8 A1A1H C . -13.26 19.06 -4.30
C10 A1A1H C . -11.84 17.49 -2.69
C13 A1A1H C . -12.72 14.86 -2.47
C15 A1A1H C . -14.14 14.33 -5.20
C17 A1A1H C . -16.25 13.49 -4.20
C20 A1A1H C . -15.14 18.23 -6.58
C21 A1A1H C . -16.23 17.88 -7.33
C1 A1A1H C . -20.49 16.31 -8.04
C11 A1A1H C . -11.11 16.57 -1.83
C12 A1A1H C . -11.58 15.28 -1.75
C14 A1A1H C . -14.57 15.30 -4.08
C16 A1A1H C . -15.03 13.07 -5.09
C18 A1A1H C . -15.71 14.62 -3.28
C19 A1A1H C . -12.98 16.99 -3.38
C2 A1A1H C . -18.98 16.56 -8.03
C3 A1A1H C . -17.29 18.76 -7.46
C9 A1A1H C . -11.46 18.81 -2.86
N2 A1A1H C . -12.20 19.56 -3.67
N4 A1A1H C . -13.64 17.81 -4.15
O1 A1A1H C . -19.76 19.11 -8.07
O2 A1A1H C . -18.05 18.48 -9.75
O3 A1A1H C . -13.06 13.70 -2.34
S A1A1H C . -18.66 18.29 -8.48
CL A1A1H C . -10.75 14.14 -0.73
C1 PEG D . -0.99 -10.32 28.69
O1 PEG D . -0.94 -8.92 28.91
C2 PEG D . -1.28 -10.63 27.25
O2 PEG D . -1.95 -11.89 27.16
C3 PEG D . -1.08 -12.98 27.49
C4 PEG D . -1.89 -14.20 27.82
O4 PEG D . -3.03 -14.29 26.98
C1 GOL E . -8.96 -4.40 29.41
O1 GOL E . -10.04 -4.01 28.60
C2 GOL E . -9.33 -3.90 30.87
O2 GOL E . -9.83 -2.60 30.86
C3 GOL E . -10.37 -4.96 31.43
O3 GOL E . -11.68 -4.65 30.91
C1 GOL F . 18.08 3.76 16.96
O1 GOL F . 19.29 3.74 17.73
C2 GOL F . 17.03 2.84 17.73
O2 GOL F . 16.60 3.34 19.00
C3 GOL F . 15.88 2.53 16.74
O3 GOL F . 16.47 2.25 15.48
C1 GOL G . -5.78 9.03 31.30
O1 GOL G . -6.74 9.94 30.75
C2 GOL G . -6.05 8.74 32.83
O2 GOL G . -7.38 8.21 33.14
C3 GOL G . -4.86 7.76 33.25
O3 GOL G . -4.03 7.53 32.11
C1 EDO H . 25.92 -19.07 14.70
O1 EDO H . 26.92 -18.08 15.01
C2 EDO H . 25.23 -18.65 13.41
O2 EDO H . 24.22 -19.61 13.09
C1 EDO I . -7.71 7.31 29.03
O1 EDO I . -7.65 5.86 29.23
C2 EDO I . -8.66 7.79 27.93
O2 EDO I . -9.02 9.19 28.13
C1 EDO J . 3.86 -3.95 2.09
O1 EDO J . 3.61 -2.54 1.87
C2 EDO J . 2.62 -4.65 2.68
O2 EDO J . 1.69 -5.04 1.64
#